data_8RNZ
#
_entry.id   8RNZ
#
_cell.length_a   50.755
_cell.length_b   51.481
_cell.length_c   62.722
_cell.angle_alpha   90.000
_cell.angle_beta   90.000
_cell.angle_gamma   90.000
#
_symmetry.space_group_name_H-M   'P 21 2 21'
#
loop_
_entity.id
_entity.type
_entity.pdbx_description
1 polymer 'Copper-transporting ATPase RAN1'
2 water water
#
_entity_poly.entity_id   1
_entity_poly.type   'polypeptide(L)'
_entity_poly.pdbx_seq_one_letter_code
;MGHHHHHHHHHHSSGHENLYFQGQQDKLVLRVDGILNELDAQVLEGILTRLNGVRQFRLDRISGELEVVFDPEVVSSRSL
VDGIEEDGFGKFKLRVMSPY
;
_entity_poly.pdbx_strand_id   A,B
#
# COMPACT_ATOMS: atom_id res chain seq x y z
N PHE A 21 24.03 -21.90 15.92
CA PHE A 21 23.08 -20.92 16.45
C PHE A 21 22.29 -20.27 15.31
N GLN A 22 21.41 -19.34 15.67
CA GLN A 22 20.59 -18.63 14.68
C GLN A 22 21.47 -17.83 13.73
N GLY A 23 20.88 -17.42 12.61
CA GLY A 23 21.58 -16.69 11.58
C GLY A 23 21.11 -15.24 11.46
N GLN A 24 21.44 -14.65 10.32
CA GLN A 24 21.04 -13.26 10.07
C GLN A 24 19.53 -13.17 10.00
N GLN A 25 19.00 -12.05 10.51
CA GLN A 25 17.56 -11.81 10.51
C GLN A 25 17.33 -10.34 10.17
N ASP A 26 16.71 -10.08 9.02
CA ASP A 26 16.35 -8.74 8.59
C ASP A 26 14.84 -8.56 8.71
N LYS A 27 14.40 -7.31 8.65
CA LYS A 27 12.97 -7.00 8.81
C LYS A 27 12.50 -6.17 7.63
N LEU A 28 11.28 -6.46 7.20
CA LEU A 28 10.65 -5.77 6.08
C LEU A 28 9.31 -5.25 6.56
N VAL A 29 9.08 -3.95 6.42
CA VAL A 29 7.82 -3.33 6.82
C VAL A 29 7.03 -3.01 5.56
N LEU A 30 5.79 -3.51 5.50
CA LEU A 30 4.96 -3.41 4.31
C LEU A 30 3.59 -2.87 4.65
N ARG A 31 2.99 -2.18 3.67
CA ARG A 31 1.59 -1.80 3.70
C ARG A 31 0.87 -2.69 2.70
N VAL A 32 -0.13 -3.43 3.18
CA VAL A 32 -0.87 -4.40 2.38
C VAL A 32 -2.30 -3.89 2.18
N ASP A 33 -2.70 -3.76 0.93
CA ASP A 33 -4.06 -3.44 0.54
C ASP A 33 -4.66 -4.68 -0.13
N GLY A 34 -5.98 -4.81 -0.05
CA GLY A 34 -6.69 -5.94 -0.60
C GLY A 34 -7.27 -6.87 0.43
N ILE A 35 -6.97 -6.66 1.71
CA ILE A 35 -7.57 -7.46 2.79
C ILE A 35 -8.95 -6.84 3.05
N LEU A 36 -10.00 -7.47 2.51
CA LEU A 36 -11.36 -6.96 2.67
C LEU A 36 -12.16 -7.71 3.73
N ASN A 37 -11.72 -8.89 4.13
CA ASN A 37 -12.46 -9.67 5.12
C ASN A 37 -11.49 -10.62 5.81
N GLU A 38 -12.02 -11.31 6.82
CA GLU A 38 -11.18 -12.20 7.61
C GLU A 38 -10.59 -13.32 6.75
N LEU A 39 -11.32 -13.74 5.72
CA LEU A 39 -10.82 -14.81 4.87
C LEU A 39 -9.57 -14.36 4.12
N ASP A 40 -9.60 -13.15 3.56
CA ASP A 40 -8.43 -12.62 2.86
C ASP A 40 -7.21 -12.57 3.77
N ALA A 41 -7.39 -12.17 5.03
CA ALA A 41 -6.27 -12.14 5.95
C ALA A 41 -5.66 -13.53 6.14
N GLN A 42 -6.52 -14.53 6.39
CA GLN A 42 -6.01 -15.88 6.58
C GLN A 42 -5.31 -16.39 5.33
N VAL A 43 -5.81 -16.03 4.15
CA VAL A 43 -5.11 -16.36 2.92
C VAL A 43 -3.70 -15.78 2.95
N LEU A 44 -3.60 -14.49 3.27
CA LEU A 44 -2.29 -13.84 3.32
C LEU A 44 -1.39 -14.50 4.35
N GLU A 45 -1.91 -14.75 5.56
CA GLU A 45 -1.11 -15.41 6.57
C GLU A 45 -0.65 -16.79 6.11
N GLY A 46 -1.48 -17.48 5.32
CA GLY A 46 -1.07 -18.75 4.76
C GLY A 46 0.08 -18.60 3.77
N ILE A 47 0.01 -17.57 2.93
CA ILE A 47 1.11 -17.31 1.99
C ILE A 47 2.41 -17.09 2.76
N LEU A 48 2.35 -16.27 3.82
CA LEU A 48 3.57 -15.94 4.54
C LEU A 48 4.16 -17.15 5.24
N THR A 49 3.30 -17.99 5.82
CA THR A 49 3.78 -19.16 6.54
C THR A 49 4.44 -20.18 5.64
N ARG A 50 4.12 -20.19 4.34
CA ARG A 50 4.67 -21.14 3.39
C ARG A 50 5.84 -20.57 2.59
N LEU A 51 6.16 -19.30 2.77
CA LEU A 51 7.20 -18.64 1.98
C LEU A 51 8.57 -18.95 2.56
N ASN A 52 9.46 -19.47 1.73
CA ASN A 52 10.78 -19.89 2.20
C ASN A 52 11.58 -18.68 2.65
N GLY A 53 12.15 -18.75 3.85
CA GLY A 53 12.94 -17.66 4.40
C GLY A 53 12.20 -16.79 5.41
N VAL A 54 10.87 -16.89 5.45
CA VAL A 54 10.09 -16.13 6.42
C VAL A 54 10.21 -16.82 7.78
N ARG A 55 10.69 -16.07 8.78
CA ARG A 55 10.86 -16.62 10.13
C ARG A 55 9.73 -16.23 11.08
N GLN A 56 9.28 -14.99 11.03
CA GLN A 56 8.17 -14.52 11.85
C GLN A 56 7.51 -13.36 11.13
N PHE A 57 6.28 -13.06 11.52
CA PHE A 57 5.60 -11.90 10.98
C PHE A 57 4.51 -11.46 11.94
N ARG A 58 4.15 -10.18 11.83
CA ARG A 58 3.01 -9.63 12.54
C ARG A 58 2.16 -8.86 11.53
N LEU A 59 0.87 -9.18 11.47
CA LEU A 59 -0.06 -8.56 10.53
C LEU A 59 -1.21 -7.93 11.32
N ASP A 60 -1.45 -6.64 11.11
CA ASP A 60 -2.70 -6.02 11.54
C ASP A 60 -3.65 -6.04 10.34
N ARG A 61 -4.70 -6.85 10.43
CA ARG A 61 -5.59 -7.08 9.31
C ARG A 61 -6.38 -5.83 8.92
N ILE A 62 -6.55 -4.89 9.85
CA ILE A 62 -7.38 -3.72 9.59
C ILE A 62 -6.57 -2.61 8.94
N SER A 63 -5.41 -2.28 9.49
CA SER A 63 -4.58 -1.23 8.93
C SER A 63 -3.75 -1.70 7.74
N GLY A 64 -3.60 -3.00 7.57
CA GLY A 64 -2.77 -3.52 6.51
C GLY A 64 -1.29 -3.49 6.78
N GLU A 65 -0.87 -3.07 7.98
CA GLU A 65 0.55 -3.04 8.28
C GLU A 65 1.07 -4.46 8.50
N LEU A 66 2.19 -4.77 7.85
CA LEU A 66 2.77 -6.11 7.90
C LEU A 66 4.27 -5.97 8.12
N GLU A 67 4.77 -6.60 9.17
CA GLU A 67 6.19 -6.69 9.44
C GLU A 67 6.60 -8.15 9.25
N VAL A 68 7.71 -8.36 8.54
CA VAL A 68 8.18 -9.70 8.25
C VAL A 68 9.63 -9.78 8.68
N VAL A 69 9.95 -10.81 9.46
CA VAL A 69 11.33 -11.12 9.83
C VAL A 69 11.73 -12.30 8.96
N PHE A 70 12.82 -12.13 8.22
CA PHE A 70 13.24 -13.15 7.26
C PHE A 70 14.75 -13.31 7.34
N ASP A 71 15.21 -14.48 6.88
CA ASP A 71 16.64 -14.77 6.83
C ASP A 71 17.17 -14.24 5.51
N PRO A 72 17.98 -13.19 5.51
CA PRO A 72 18.46 -12.64 4.22
C PRO A 72 19.36 -13.59 3.46
N GLU A 73 19.87 -14.65 4.09
N GLU A 73 19.86 -14.65 4.09
CA GLU A 73 20.67 -15.64 3.38
CA GLU A 73 20.67 -15.64 3.37
C GLU A 73 19.82 -16.65 2.63
C GLU A 73 19.80 -16.62 2.58
N VAL A 74 18.51 -16.69 2.90
CA VAL A 74 17.60 -17.60 2.21
C VAL A 74 16.73 -16.87 1.20
N VAL A 75 16.31 -15.65 1.51
CA VAL A 75 15.46 -14.88 0.62
C VAL A 75 15.80 -13.39 0.79
N SER A 76 15.79 -12.67 -0.32
CA SER A 76 15.97 -11.22 -0.29
C SER A 76 14.62 -10.54 -0.16
N SER A 77 14.65 -9.29 0.30
CA SER A 77 13.40 -8.52 0.39
C SER A 77 12.73 -8.47 -0.98
N ARG A 78 13.52 -8.29 -2.04
CA ARG A 78 12.99 -8.32 -3.39
C ARG A 78 12.18 -9.58 -3.65
N SER A 79 12.81 -10.74 -3.48
CA SER A 79 12.12 -12.00 -3.76
C SER A 79 10.94 -12.20 -2.82
N LEU A 80 11.05 -11.73 -1.59
CA LEU A 80 9.97 -11.89 -0.62
C LEU A 80 8.73 -11.11 -1.04
N VAL A 81 8.90 -9.83 -1.42
CA VAL A 81 7.76 -9.03 -1.83
C VAL A 81 7.15 -9.60 -3.10
N ASP A 82 8.00 -9.97 -4.07
CA ASP A 82 7.49 -10.58 -5.30
C ASP A 82 6.76 -11.89 -5.02
N GLY A 83 7.27 -12.66 -4.06
CA GLY A 83 6.63 -13.94 -3.76
C GLY A 83 5.22 -13.78 -3.24
N ILE A 84 5.02 -12.83 -2.32
CA ILE A 84 3.68 -12.62 -1.77
C ILE A 84 2.73 -12.18 -2.87
N GLU A 85 3.18 -11.24 -3.72
CA GLU A 85 2.36 -10.76 -4.82
C GLU A 85 1.96 -11.89 -5.75
N GLU A 86 2.92 -12.73 -6.12
CA GLU A 86 2.63 -13.83 -7.03
C GLU A 86 1.67 -14.82 -6.39
N ASP A 87 1.97 -15.24 -5.15
CA ASP A 87 1.10 -16.16 -4.45
C ASP A 87 -0.28 -15.58 -4.18
N GLY A 88 -0.41 -14.26 -4.18
CA GLY A 88 -1.70 -13.64 -3.93
C GLY A 88 -2.59 -13.48 -5.13
N PHE A 89 -2.07 -13.75 -6.33
CA PHE A 89 -2.86 -13.65 -7.56
C PHE A 89 -3.40 -12.25 -7.75
N GLY A 90 -2.59 -11.27 -7.39
CA GLY A 90 -2.99 -9.88 -7.50
C GLY A 90 -4.02 -9.42 -6.52
N LYS A 91 -4.44 -10.26 -5.58
CA LYS A 91 -5.40 -9.80 -4.59
C LYS A 91 -4.77 -8.82 -3.60
N PHE A 92 -3.47 -8.95 -3.34
CA PHE A 92 -2.80 -8.10 -2.37
C PHE A 92 -1.86 -7.14 -3.07
N LYS A 93 -1.92 -5.89 -2.64
CA LYS A 93 -1.08 -4.82 -3.18
C LYS A 93 -0.06 -4.48 -2.10
N LEU A 94 1.20 -4.64 -2.42
CA LEU A 94 2.28 -4.45 -1.46
C LEU A 94 3.02 -3.16 -1.74
N ARG A 95 3.31 -2.42 -0.69
CA ARG A 95 4.12 -1.22 -0.73
C ARG A 95 5.11 -1.29 0.42
N VAL A 96 6.40 -1.15 0.12
CA VAL A 96 7.44 -1.21 1.14
C VAL A 96 7.56 0.14 1.82
N MET A 97 7.56 0.15 3.15
CA MET A 97 7.65 1.37 3.94
C MET A 97 9.07 1.54 4.47
N SER A 98 9.59 2.75 4.38
CA SER A 98 10.95 3.07 4.83
C SER A 98 10.94 3.63 6.25
N GLN B 24 1.69 9.37 -21.64
CA GLN B 24 1.37 8.22 -20.78
C GLN B 24 0.51 8.69 -19.61
N GLN B 25 -0.59 7.99 -19.36
CA GLN B 25 -1.53 8.38 -18.28
C GLN B 25 -2.09 7.11 -17.66
N ASP B 26 -1.68 6.77 -16.44
CA ASP B 26 -2.20 5.64 -15.70
C ASP B 26 -3.23 6.11 -14.69
N LYS B 27 -4.04 5.17 -14.20
CA LYS B 27 -5.11 5.49 -13.27
C LYS B 27 -4.92 4.69 -12.00
N LEU B 28 -5.20 5.34 -10.88
CA LEU B 28 -5.13 4.72 -9.55
C LEU B 28 -6.46 4.96 -8.88
N VAL B 29 -7.11 3.88 -8.45
CA VAL B 29 -8.40 3.95 -7.76
C VAL B 29 -8.13 3.75 -6.29
N LEU B 30 -8.57 4.70 -5.47
CA LEU B 30 -8.27 4.73 -4.05
C LEU B 30 -9.54 4.95 -3.24
N ARG B 31 -9.56 4.41 -2.02
CA ARG B 31 -10.54 4.72 -0.99
C ARG B 31 -9.81 5.49 0.10
N VAL B 32 -10.29 6.71 0.39
CA VAL B 32 -9.62 7.61 1.32
C VAL B 32 -10.35 7.63 2.64
N ASP B 33 -9.63 7.37 3.73
CA ASP B 33 -10.16 7.49 5.06
C ASP B 33 -9.56 8.72 5.71
N GLY B 34 -10.33 9.38 6.57
CA GLY B 34 -9.93 10.62 7.19
C GLY B 34 -10.69 11.85 6.70
N ILE B 35 -11.53 11.72 5.67
CA ILE B 35 -12.34 12.85 5.21
C ILE B 35 -13.58 12.92 6.08
N LEU B 36 -13.52 13.73 7.13
CA LEU B 36 -14.57 13.76 8.15
C LEU B 36 -15.57 14.90 8.00
N ASN B 37 -15.24 15.91 7.20
CA ASN B 37 -16.10 17.05 6.97
C ASN B 37 -15.68 17.68 5.65
N GLU B 38 -16.43 18.69 5.21
CA GLU B 38 -16.13 19.33 3.94
C GLU B 38 -14.77 20.02 3.96
N LEU B 39 -14.33 20.50 5.12
CA LEU B 39 -13.03 21.16 5.19
C LEU B 39 -11.92 20.17 4.85
N ASP B 40 -11.99 18.95 5.40
CA ASP B 40 -11.00 17.92 5.09
C ASP B 40 -10.95 17.64 3.59
N ALA B 41 -12.12 17.62 2.94
CA ALA B 41 -12.16 17.40 1.50
C ALA B 41 -11.36 18.47 0.77
N GLN B 42 -11.55 19.73 1.16
CA GLN B 42 -10.81 20.82 0.50
C GLN B 42 -9.31 20.65 0.72
N VAL B 43 -8.92 20.26 1.93
CA VAL B 43 -7.50 20.01 2.20
C VAL B 43 -6.97 18.95 1.25
N LEU B 44 -7.67 17.81 1.18
CA LEU B 44 -7.21 16.73 0.32
C LEU B 44 -7.14 17.19 -1.14
N GLU B 45 -8.19 17.85 -1.61
CA GLU B 45 -8.15 18.37 -2.98
C GLU B 45 -6.99 19.33 -3.18
N GLY B 46 -6.62 20.09 -2.15
CA GLY B 46 -5.45 20.95 -2.26
C GLY B 46 -4.17 20.17 -2.43
N ILE B 47 -4.03 19.07 -1.69
CA ILE B 47 -2.86 18.20 -1.83
C ILE B 47 -2.77 17.66 -3.25
N LEU B 48 -3.89 17.19 -3.79
CA LEU B 48 -3.90 16.57 -5.10
C LEU B 48 -3.56 17.56 -6.21
N THR B 49 -4.01 18.81 -6.07
N THR B 49 -4.01 18.80 -6.08
CA THR B 49 -3.72 19.79 -7.11
CA THR B 49 -3.74 19.80 -7.10
C THR B 49 -2.24 20.15 -7.16
C THR B 49 -2.26 20.16 -7.15
N ARG B 50 -1.56 20.09 -6.01
CA ARG B 50 -0.16 20.49 -5.94
C ARG B 50 0.81 19.34 -6.12
N LEU B 51 0.33 18.11 -6.20
CA LEU B 51 1.22 16.94 -6.23
C LEU B 51 1.81 16.76 -7.62
N ASN B 52 3.14 16.71 -7.68
CA ASN B 52 3.81 16.61 -8.97
C ASN B 52 3.51 15.26 -9.61
N GLY B 53 3.10 15.29 -10.87
CA GLY B 53 2.74 14.10 -11.61
C GLY B 53 1.25 13.84 -11.72
N VAL B 54 0.45 14.50 -10.90
CA VAL B 54 -1.01 14.31 -10.98
C VAL B 54 -1.53 15.12 -12.15
N ARG B 55 -2.27 14.45 -13.04
CA ARG B 55 -2.87 15.12 -14.20
C ARG B 55 -4.35 15.37 -14.02
N GLN B 56 -5.09 14.41 -13.49
CA GLN B 56 -6.51 14.60 -13.20
C GLN B 56 -6.86 13.82 -11.96
N PHE B 57 -7.96 14.19 -11.32
CA PHE B 57 -8.46 13.40 -10.21
C PHE B 57 -9.94 13.69 -10.06
N ARG B 58 -10.65 12.71 -9.52
CA ARG B 58 -12.06 12.83 -9.21
C ARG B 58 -12.25 12.32 -7.79
N LEU B 59 -12.75 13.19 -6.91
CA LEU B 59 -12.96 12.85 -5.51
C LEU B 59 -14.46 12.85 -5.22
N ASP B 60 -14.95 11.72 -4.70
CA ASP B 60 -16.28 11.63 -4.11
C ASP B 60 -16.07 11.86 -2.62
N ARG B 61 -16.20 13.12 -2.21
CA ARG B 61 -15.84 13.49 -0.85
C ARG B 61 -16.74 12.84 0.19
N ILE B 62 -17.94 12.41 -0.18
CA ILE B 62 -18.84 11.79 0.78
C ILE B 62 -18.46 10.34 1.02
N SER B 63 -18.27 9.57 -0.06
CA SER B 63 -17.89 8.17 0.07
C SER B 63 -16.39 7.98 0.26
N GLY B 64 -15.58 9.00 -0.06
CA GLY B 64 -14.14 8.87 0.01
C GLY B 64 -13.48 8.19 -1.17
N GLU B 65 -14.24 7.84 -2.20
CA GLU B 65 -13.68 7.23 -3.39
C GLU B 65 -12.87 8.26 -4.17
N LEU B 66 -11.66 7.90 -4.57
CA LEU B 66 -10.75 8.81 -5.26
C LEU B 66 -10.13 8.10 -6.46
N GLU B 67 -10.28 8.69 -7.64
CA GLU B 67 -9.61 8.24 -8.85
C GLU B 67 -8.59 9.31 -9.22
N VAL B 68 -7.37 8.87 -9.54
CA VAL B 68 -6.28 9.77 -9.87
C VAL B 68 -5.64 9.29 -11.16
N VAL B 69 -5.47 10.22 -12.11
CA VAL B 69 -4.75 9.96 -13.36
C VAL B 69 -3.40 10.65 -13.25
N PHE B 70 -2.33 9.89 -13.46
CA PHE B 70 -0.97 10.40 -13.24
C PHE B 70 -0.06 9.97 -14.37
N ASP B 71 1.03 10.73 -14.52
CA ASP B 71 2.05 10.44 -15.52
C ASP B 71 3.05 9.47 -14.92
N PRO B 72 3.10 8.21 -15.36
CA PRO B 72 4.00 7.24 -14.72
C PRO B 72 5.48 7.53 -14.93
N GLU B 73 5.82 8.47 -15.81
CA GLU B 73 7.21 8.84 -16.00
C GLU B 73 7.67 9.93 -15.04
N VAL B 74 6.75 10.48 -14.26
CA VAL B 74 7.07 11.51 -13.27
C VAL B 74 6.92 10.98 -11.85
N VAL B 75 5.89 10.18 -11.60
CA VAL B 75 5.63 9.62 -10.27
C VAL B 75 5.03 8.24 -10.47
N SER B 76 5.40 7.31 -9.59
CA SER B 76 4.80 5.98 -9.62
C SER B 76 3.53 5.97 -8.78
N SER B 77 2.71 4.96 -9.03
CA SER B 77 1.52 4.75 -8.22
C SER B 77 1.87 4.63 -6.73
N ARG B 78 2.92 3.87 -6.41
CA ARG B 78 3.28 3.73 -4.99
C ARG B 78 3.79 5.04 -4.40
N SER B 79 4.65 5.76 -5.12
CA SER B 79 5.10 7.06 -4.62
C SER B 79 3.94 8.06 -4.51
N LEU B 80 2.96 7.94 -5.41
CA LEU B 80 1.80 8.84 -5.35
C LEU B 80 1.01 8.61 -4.07
N VAL B 81 0.78 7.36 -3.70
CA VAL B 81 0.06 7.09 -2.46
C VAL B 81 0.87 7.56 -1.26
N ASP B 82 2.18 7.29 -1.25
CA ASP B 82 3.01 7.75 -0.14
C ASP B 82 3.07 9.27 -0.09
N GLY B 83 3.10 9.94 -1.25
CA GLY B 83 3.12 11.39 -1.26
C GLY B 83 1.86 12.01 -0.68
N ILE B 84 0.68 11.47 -1.04
CA ILE B 84 -0.57 12.01 -0.53
C ILE B 84 -0.66 11.84 0.97
N GLU B 85 -0.37 10.64 1.47
CA GLU B 85 -0.41 10.41 2.90
C GLU B 85 0.59 11.31 3.61
N GLU B 86 1.81 11.42 3.08
CA GLU B 86 2.82 12.26 3.71
C GLU B 86 2.37 13.73 3.72
N ASP B 87 1.89 14.23 2.58
CA ASP B 87 1.40 15.61 2.55
C ASP B 87 0.20 15.81 3.46
N GLY B 88 -0.50 14.75 3.83
CA GLY B 88 -1.62 14.87 4.75
C GLY B 88 -1.23 14.86 6.21
N PHE B 89 0.04 14.56 6.51
CA PHE B 89 0.52 14.56 7.89
C PHE B 89 -0.26 13.59 8.76
N GLY B 90 -0.52 12.40 8.22
CA GLY B 90 -1.28 11.41 8.96
C GLY B 90 -2.76 11.72 9.09
N LYS B 91 -3.25 12.77 8.43
CA LYS B 91 -4.68 13.06 8.48
C LYS B 91 -5.47 12.09 7.61
N PHE B 92 -4.89 11.63 6.49
CA PHE B 92 -5.57 10.75 5.55
C PHE B 92 -4.86 9.41 5.44
N LYS B 93 -5.63 8.35 5.38
CA LYS B 93 -5.13 6.99 5.10
C LYS B 93 -5.74 6.52 3.79
N LEU B 94 -4.91 6.00 2.89
CA LEU B 94 -5.35 5.64 1.55
C LEU B 94 -5.36 4.12 1.38
N ARG B 95 -6.49 3.59 0.93
CA ARG B 95 -6.62 2.18 0.61
C ARG B 95 -6.63 2.05 -0.91
N VAL B 96 -5.69 1.25 -1.43
CA VAL B 96 -5.55 1.08 -2.87
C VAL B 96 -6.51 0.00 -3.35
N MET B 97 -7.30 0.31 -4.37
CA MET B 97 -8.32 -0.59 -4.92
C MET B 97 -7.93 -1.19 -6.25
N SER B 98 -7.10 -0.52 -7.02
CA SER B 98 -6.61 -1.01 -8.30
C SER B 98 -5.17 -1.48 -8.14
N PRO B 99 -4.64 -2.18 -9.14
CA PRO B 99 -3.23 -2.62 -9.06
C PRO B 99 -2.28 -1.43 -9.08
N TYR B 100 -1.12 -1.63 -8.45
CA TYR B 100 -0.05 -0.64 -8.53
C TYR B 100 0.56 -0.62 -9.93
#